data_2R9C
#
_entry.id   2R9C
#
_cell.length_a   40.430
_cell.length_b   70.250
_cell.length_c   110.410
_cell.angle_alpha   90.00
_cell.angle_beta   90.00
_cell.angle_gamma   90.00
#
_symmetry.space_group_name_H-M   'P 21 21 21'
#
loop_
_entity.id
_entity.type
_entity.pdbx_description
1 polymer 'Calpain-1 catalytic subunit'
2 non-polymer 'CALCIUM ION'
3 non-polymer 'CHLORIDE ION'
4 non-polymer 'benzyl (S)-1-((2S,3S)-1-(3-(6-amino-9H-purin-9-yl)propylamino)-2-hydroxy-1-oxopentan-3-ylamino)-4-methyl-1-oxopentan-2-ylcarbamate'
5 non-polymer GLYCEROL
6 water water
#
_entity_poly.entity_id   1
_entity_poly.type   'polypeptide(L)'
_entity_poly.pdbx_seq_one_letter_code
;MGLGRHENAIKYLGQDYENLRARCLQNGVLFQDDAFPPVSHSLGFKELGPNSSKTYGIKWKRPTELLSNPQFIVDGATRT
DICQGALGDCWLLAAIASLTLNETILHRVVPYGQSFQEGYAGIFHFQLWQFGEWVDVVVDDLLPTKDGKLVFVHSAQGNE
FWSALLEKAYAKVNGSYEALSGGCTSEAFEDFTGGVTEWYDLQKAPSDLYQIILKALERGSLLGCSINISDIRDLEAITF
KNLVRGHAYSVTDAKQVTYQGQRVNLIRMRNPWGEVEWKGPWSDNSYEWNKVDPYEREQLRVKMEDGEFWMSFRDFIREF
TKLEICNLTPDLEHHHHHH
;
_entity_poly.pdbx_strand_id   A
#
loop_
_chem_comp.id
_chem_comp.type
_chem_comp.name
_chem_comp.formula
CA non-polymer 'CALCIUM ION' 'Ca 2'
CL non-polymer 'CHLORIDE ION' 'Cl -1'
GOL non-polymer GLYCEROL 'C3 H8 O3'
GRD non-polymer 'benzyl (S)-1-((2S,3S)-1-(3-(6-amino-9H-purin-9-yl)propylamino)-2-hydroxy-1-oxopentan-3-ylamino)-4-methyl-1-oxopentan-2-ylcarbamate' 'C27 H38 N8 O5'
#
# COMPACT_ATOMS: atom_id res chain seq x y z
N ASN A 8 -9.32 5.09 -23.19
CA ASN A 8 -8.28 6.02 -22.66
C ASN A 8 -8.80 6.83 -21.48
N ALA A 9 -8.04 6.84 -20.40
CA ALA A 9 -8.39 7.63 -19.21
C ALA A 9 -8.62 9.09 -19.59
N ILE A 10 -9.59 9.71 -18.96
CA ILE A 10 -9.81 11.13 -19.17
C ILE A 10 -9.01 11.92 -18.13
N LYS A 11 -8.67 13.17 -18.45
CA LYS A 11 -7.70 13.93 -17.65
C LYS A 11 -8.38 14.61 -16.47
N TYR A 12 -7.98 14.21 -15.27
CA TYR A 12 -8.42 14.90 -14.08
C TYR A 12 -8.10 16.42 -14.14
N LEU A 13 -9.15 17.24 -13.97
CA LEU A 13 -9.08 18.69 -13.98
C LEU A 13 -8.63 19.22 -15.34
N GLY A 14 -8.67 18.36 -16.35
CA GLY A 14 -8.15 18.71 -17.67
C GLY A 14 -6.62 18.83 -17.77
N GLN A 15 -5.90 18.46 -16.70
CA GLN A 15 -4.43 18.47 -16.78
C GLN A 15 -3.90 17.33 -17.65
N ASP A 16 -3.04 17.69 -18.60
CA ASP A 16 -2.61 16.81 -19.68
C ASP A 16 -1.15 16.44 -19.45
N TYR A 17 -0.92 15.24 -18.94
CA TYR A 17 0.45 14.76 -18.60
C TYR A 17 1.47 15.00 -19.73
N GLU A 18 1.23 14.46 -20.91
CA GLU A 18 2.27 14.51 -21.97
C GLU A 18 2.48 15.94 -22.42
N ASN A 19 1.39 16.71 -22.54
CA ASN A 19 1.56 18.10 -22.95
C ASN A 19 2.34 18.94 -21.93
N LEU A 20 2.01 18.79 -20.65
CA LEU A 20 2.69 19.53 -19.56
C LEU A 20 4.16 19.12 -19.54
N ARG A 21 4.42 17.80 -19.64
CA ARG A 21 5.80 17.29 -19.62
C ARG A 21 6.58 17.90 -20.80
N ALA A 22 5.99 17.81 -21.98
CA ALA A 22 6.71 18.30 -23.19
C ALA A 22 6.96 19.80 -23.12
N ARG A 23 6.01 20.55 -22.58
CA ARG A 23 6.18 22.00 -22.51
C ARG A 23 7.17 22.40 -21.42
N CYS A 24 7.15 21.71 -20.27
CA CYS A 24 8.19 21.93 -19.25
C CYS A 24 9.57 21.69 -19.83
N LEU A 25 9.74 20.61 -20.59
CA LEU A 25 11.05 20.29 -21.18
C LEU A 25 11.49 21.36 -22.16
N GLN A 26 10.56 21.82 -22.98
CA GLN A 26 10.83 22.90 -23.93
C GLN A 26 11.23 24.22 -23.22
N ASN A 27 10.54 24.51 -22.12
CA ASN A 27 10.71 25.77 -21.41
C ASN A 27 11.86 25.70 -20.40
N GLY A 28 12.50 24.53 -20.32
CA GLY A 28 13.72 24.32 -19.48
C GLY A 28 13.42 24.35 -17.98
N VAL A 29 12.19 24.01 -17.61
CA VAL A 29 11.80 24.07 -16.19
C VAL A 29 11.25 22.70 -15.74
N LEU A 30 11.14 22.51 -14.42
CA LEU A 30 10.45 21.34 -13.88
C LEU A 30 9.01 21.72 -13.49
N PHE A 31 8.10 20.77 -13.67
CA PHE A 31 6.68 21.01 -13.44
C PHE A 31 6.42 21.35 -11.96
N GLN A 32 5.53 22.29 -11.73
CA GLN A 32 5.01 22.57 -10.38
C GLN A 32 3.50 22.63 -10.54
N ASP A 33 2.82 21.85 -9.71
CA ASP A 33 1.38 21.55 -9.94
C ASP A 33 0.45 22.59 -9.28
N ASP A 34 -0.12 23.50 -10.09
CA ASP A 34 -1.09 24.46 -9.52
C ASP A 34 -2.27 23.81 -8.78
N ALA A 35 -2.60 22.58 -9.16
CA ALA A 35 -3.80 21.92 -8.61
C ALA A 35 -3.53 21.22 -7.28
N PHE A 36 -2.24 21.09 -6.90
CA PHE A 36 -1.86 20.40 -5.70
C PHE A 36 -0.44 20.87 -5.42
N PRO A 37 -0.33 22.13 -5.03
CA PRO A 37 0.99 22.75 -4.94
C PRO A 37 1.83 22.36 -3.74
N PRO A 38 3.14 22.65 -3.78
CA PRO A 38 4.05 22.22 -2.71
C PRO A 38 3.98 23.19 -1.53
N VAL A 39 2.84 23.18 -0.88
CA VAL A 39 2.57 24.09 0.25
C VAL A 39 1.72 23.38 1.30
N SER A 40 1.49 24.06 2.43
CA SER A 40 0.93 23.34 3.59
C SER A 40 -0.50 22.88 3.34
N HIS A 41 -1.25 23.59 2.50
CA HIS A 41 -2.61 23.14 2.23
C HIS A 41 -2.69 21.79 1.51
N SER A 42 -1.59 21.37 0.86
CA SER A 42 -1.54 20.02 0.26
C SER A 42 -1.25 18.97 1.34
N LEU A 43 -0.63 19.40 2.44
CA LEU A 43 -0.36 18.49 3.56
C LEU A 43 -1.65 18.24 4.33
N GLY A 44 -2.35 19.31 4.68
CA GLY A 44 -3.53 19.15 5.53
C GLY A 44 -4.11 20.45 6.01
N PHE A 45 -4.88 20.32 7.08
CA PHE A 45 -5.74 21.39 7.58
C PHE A 45 -5.82 21.49 9.12
N LYS A 46 -5.45 20.42 9.85
CA LYS A 46 -5.55 20.42 11.33
C LYS A 46 -4.27 19.85 11.90
N GLU A 47 -4.15 18.51 11.88
CA GLU A 47 -2.91 17.84 12.27
CA GLU A 47 -2.91 17.87 12.30
C GLU A 47 -1.72 18.22 11.39
N LEU A 48 -2.00 18.46 10.10
CA LEU A 48 -0.99 18.93 9.12
C LEU A 48 -1.36 20.30 8.57
N GLY A 49 -1.98 21.15 9.40
CA GLY A 49 -2.38 22.51 8.94
C GLY A 49 -1.23 23.52 9.00
N PRO A 50 -1.45 24.76 8.52
CA PRO A 50 -0.35 25.74 8.42
C PRO A 50 0.38 25.98 9.73
N ASN A 51 -0.30 25.87 10.88
CA ASN A 51 0.36 26.20 12.14
C ASN A 51 0.63 25.01 13.07
N SER A 52 0.83 23.85 12.48
CA SER A 52 0.93 22.64 13.25
C SER A 52 2.39 22.29 13.42
N SER A 53 2.71 21.61 14.53
CA SER A 53 4.06 21.10 14.76
C SER A 53 4.57 20.20 13.61
N LYS A 54 3.68 19.36 13.10
CA LYS A 54 4.10 18.46 12.01
C LYS A 54 4.45 19.21 10.74
N THR A 55 3.63 20.19 10.39
CA THR A 55 3.85 20.98 9.19
C THR A 55 5.16 21.74 9.22
N TYR A 56 5.45 22.41 10.35
CA TYR A 56 6.71 23.15 10.50
C TYR A 56 8.01 22.39 10.19
N GLY A 57 8.05 21.08 10.39
CA GLY A 57 9.28 20.32 10.12
C GLY A 57 9.49 19.95 8.62
N ILE A 58 8.46 20.11 7.82
CA ILE A 58 8.44 19.49 6.48
C ILE A 58 8.94 20.47 5.42
N LYS A 59 9.79 19.96 4.53
CA LYS A 59 10.23 20.72 3.37
C LYS A 59 9.91 19.88 2.15
N TRP A 60 9.35 20.55 1.14
CA TRP A 60 9.09 19.85 -0.13
C TRP A 60 10.35 19.76 -0.99
N LYS A 61 10.71 18.56 -1.42
CA LYS A 61 11.91 18.31 -2.23
C LYS A 61 11.65 17.22 -3.24
N ARG A 62 12.22 17.40 -4.43
CA ARG A 62 12.11 16.37 -5.47
C ARG A 62 13.12 15.24 -5.26
N PRO A 63 12.81 14.01 -5.73
CA PRO A 63 13.81 12.93 -5.58
C PRO A 63 15.15 13.30 -6.23
N THR A 64 15.11 14.17 -7.26
CA THR A 64 16.30 14.59 -8.01
C THR A 64 17.07 15.66 -7.24
N GLU A 65 16.48 16.13 -6.14
CA GLU A 65 17.15 17.08 -5.22
C GLU A 65 17.72 16.26 -4.06
N LEU A 66 17.10 15.11 -3.76
CA LEU A 66 17.53 14.25 -2.66
C LEU A 66 18.75 13.38 -2.98
N LEU A 67 18.74 12.78 -4.15
CA LEU A 67 19.68 11.75 -4.53
C LEU A 67 20.26 12.03 -5.90
N SER A 68 21.46 11.51 -6.12
CA SER A 68 22.07 11.61 -7.44
C SER A 68 21.39 10.67 -8.44
N ASN A 69 20.85 9.55 -7.98
CA ASN A 69 20.34 8.53 -8.93
C ASN A 69 18.97 8.03 -8.50
N PRO A 70 17.98 8.95 -8.38
CA PRO A 70 16.66 8.46 -8.02
C PRO A 70 16.07 7.60 -9.13
N GLN A 71 15.20 6.65 -8.75
CA GLN A 71 14.62 5.72 -9.70
C GLN A 71 13.13 5.68 -9.47
N PHE A 72 12.36 5.59 -10.55
CA PHE A 72 10.91 5.44 -10.39
C PHE A 72 10.59 4.04 -9.91
N ILE A 73 11.08 3.02 -10.63
CA ILE A 73 10.90 1.64 -10.17
C ILE A 73 12.25 0.91 -10.11
N VAL A 74 12.48 0.20 -9.02
CA VAL A 74 13.72 -0.56 -8.85
C VAL A 74 13.35 -2.02 -8.55
N ASP A 75 13.85 -2.95 -9.37
CA ASP A 75 13.55 -4.39 -9.17
C ASP A 75 12.04 -4.66 -9.09
N GLY A 76 11.27 -3.98 -9.94
CA GLY A 76 9.84 -4.21 -10.00
C GLY A 76 9.08 -3.33 -9.01
N ALA A 77 7.81 -3.08 -9.31
CA ALA A 77 6.92 -2.38 -8.39
C ALA A 77 6.24 -3.49 -7.55
N THR A 78 6.74 -3.71 -6.32
CA THR A 78 6.32 -4.84 -5.50
C THR A 78 5.93 -4.36 -4.10
N ARG A 79 5.37 -5.26 -3.30
CA ARG A 79 4.77 -4.87 -2.03
C ARG A 79 5.78 -4.42 -0.99
N THR A 80 7.04 -4.87 -1.09
CA THR A 80 8.07 -4.36 -0.16
C THR A 80 8.40 -2.88 -0.39
N ASP A 81 7.89 -2.32 -1.50
CA ASP A 81 8.04 -0.91 -1.83
C ASP A 81 7.05 0.00 -1.05
N ILE A 82 6.19 -0.63 -0.26
CA ILE A 82 5.14 0.07 0.49
CA ILE A 82 5.16 0.09 0.49
C ILE A 82 5.47 0.05 1.97
N CYS A 83 6.13 1.09 2.46
CA CYS A 83 6.49 1.16 3.88
C CYS A 83 5.91 2.47 4.42
N GLN A 84 4.93 2.33 5.30
CA GLN A 84 4.11 3.43 5.72
C GLN A 84 4.92 4.51 6.45
N GLY A 85 4.56 5.76 6.19
CA GLY A 85 5.09 6.90 6.97
C GLY A 85 4.13 7.43 7.98
N ALA A 86 4.28 8.71 8.30
CA ALA A 86 3.61 9.29 9.44
C ALA A 86 2.24 9.84 9.05
N LEU A 87 1.29 8.93 8.76
CA LEU A 87 -0.02 9.37 8.30
C LEU A 87 -0.96 8.22 8.58
N GLY A 88 -2.26 8.50 8.77
CA GLY A 88 -3.23 7.44 9.00
C GLY A 88 -3.75 6.73 7.76
N ASP A 89 -2.89 6.46 6.76
CA ASP A 89 -3.39 5.89 5.48
C ASP A 89 -3.06 4.41 5.29
N CYS A 90 -3.06 3.65 6.40
CA CYS A 90 -2.75 2.23 6.32
C CYS A 90 -3.69 1.51 5.34
N TRP A 91 -4.96 1.91 5.33
CA TRP A 91 -5.98 1.33 4.43
C TRP A 91 -5.60 1.47 2.97
N LEU A 92 -5.12 2.66 2.63
CA LEU A 92 -4.64 2.93 1.26
C LEU A 92 -3.43 2.10 0.94
N LEU A 93 -2.47 2.06 1.87
CA LEU A 93 -1.19 1.40 1.59
C LEU A 93 -1.35 -0.13 1.52
N ALA A 94 -2.24 -0.66 2.35
CA ALA A 94 -2.60 -2.09 2.25
C ALA A 94 -3.15 -2.38 0.86
N ALA A 95 -3.98 -1.48 0.34
CA ALA A 95 -4.53 -1.65 -1.00
C ALA A 95 -3.44 -1.59 -2.07
N ILE A 96 -2.51 -0.63 -1.98
CA ILE A 96 -1.41 -0.58 -2.96
C ILE A 96 -0.57 -1.85 -2.90
N ALA A 97 -0.23 -2.31 -1.69
CA ALA A 97 0.54 -3.54 -1.56
C ALA A 97 -0.19 -4.71 -2.27
N SER A 98 -1.51 -4.82 -2.06
CA SER A 98 -2.27 -5.89 -2.71
C SER A 98 -2.28 -5.73 -4.21
N LEU A 99 -2.36 -4.47 -4.65
CA LEU A 99 -2.37 -4.15 -6.06
C LEU A 99 -1.14 -4.71 -6.77
N THR A 100 0.03 -4.65 -6.12
CA THR A 100 1.26 -5.12 -6.76
C THR A 100 1.27 -6.61 -7.12
N LEU A 101 0.37 -7.39 -6.51
CA LEU A 101 0.35 -8.84 -6.80
C LEU A 101 -0.32 -9.18 -8.12
N ASN A 102 -0.94 -8.19 -8.76
CA ASN A 102 -1.63 -8.37 -10.02
C ASN A 102 -0.99 -7.37 -10.99
N GLU A 103 -0.04 -7.89 -11.79
CA GLU A 103 0.75 -7.07 -12.69
C GLU A 103 -0.09 -6.22 -13.66
N THR A 104 -1.15 -6.81 -14.21
CA THR A 104 -2.06 -6.13 -15.15
C THR A 104 -2.69 -4.88 -14.50
N ILE A 105 -3.31 -5.05 -13.34
CA ILE A 105 -3.98 -3.93 -12.68
CA ILE A 105 -3.99 -3.91 -12.72
C ILE A 105 -2.97 -2.92 -12.14
N LEU A 106 -1.83 -3.44 -11.68
CA LEU A 106 -0.77 -2.57 -11.20
C LEU A 106 -0.40 -1.56 -12.28
N HIS A 107 -0.19 -2.05 -13.49
CA HIS A 107 0.32 -1.17 -14.49
C HIS A 107 -0.74 -0.39 -15.26
N ARG A 108 -2.00 -0.67 -14.93
CA ARG A 108 -3.06 0.29 -15.31
C ARG A 108 -2.93 1.55 -14.40
N VAL A 109 -2.77 1.32 -13.09
CA VAL A 109 -2.70 2.42 -12.11
C VAL A 109 -1.37 3.18 -12.22
N VAL A 110 -0.32 2.44 -12.51
CA VAL A 110 1.05 2.99 -12.60
C VAL A 110 1.52 2.82 -14.04
N PRO A 111 1.27 3.83 -14.91
CA PRO A 111 1.68 3.68 -16.32
C PRO A 111 3.15 3.43 -16.50
N TYR A 112 3.42 2.62 -17.53
CA TYR A 112 4.76 2.33 -17.98
C TYR A 112 5.42 3.59 -18.51
N GLY A 113 6.74 3.60 -18.47
CA GLY A 113 7.52 4.58 -19.21
C GLY A 113 7.88 5.84 -18.45
N GLN A 114 7.85 5.80 -17.11
CA GLN A 114 8.10 7.02 -16.33
C GLN A 114 9.45 6.89 -15.68
N SER A 115 10.23 7.95 -15.76
CA SER A 115 11.59 7.84 -15.28
C SER A 115 12.16 9.18 -14.85
N PHE A 116 13.27 9.12 -14.12
CA PHE A 116 14.01 10.33 -13.78
C PHE A 116 15.12 10.64 -14.77
N GLN A 117 15.20 9.86 -15.84
CA GLN A 117 16.23 10.15 -16.82
C GLN A 117 15.68 10.83 -18.08
N GLU A 118 15.83 10.21 -19.24
CA GLU A 118 15.47 10.89 -20.48
C GLU A 118 13.99 11.32 -20.46
N GLY A 119 13.72 12.59 -20.73
CA GLY A 119 12.32 13.07 -20.84
C GLY A 119 11.77 13.53 -19.47
N TYR A 120 12.51 13.30 -18.40
CA TYR A 120 12.10 13.84 -17.08
C TYR A 120 11.90 15.36 -17.07
N ALA A 121 10.75 15.80 -16.56
CA ALA A 121 10.46 17.23 -16.34
C ALA A 121 9.73 17.44 -15.02
N GLY A 122 9.93 16.55 -14.04
CA GLY A 122 9.42 16.81 -12.68
C GLY A 122 7.91 16.52 -12.58
N ILE A 123 7.42 15.68 -13.49
CA ILE A 123 5.97 15.34 -13.52
C ILE A 123 5.76 13.83 -13.74
N PHE A 124 4.78 13.30 -13.03
CA PHE A 124 4.40 11.89 -13.13
C PHE A 124 2.89 11.80 -13.18
N HIS A 125 2.38 10.62 -13.53
CA HIS A 125 0.92 10.44 -13.63
C HIS A 125 0.50 9.03 -13.21
N PHE A 126 -0.74 8.92 -12.76
CA PHE A 126 -1.30 7.66 -12.30
C PHE A 126 -2.77 7.65 -12.75
N GLN A 127 -3.33 6.45 -12.84
CA GLN A 127 -4.72 6.33 -13.23
C GLN A 127 -5.52 5.69 -12.11
N LEU A 128 -6.63 6.34 -11.79
CA LEU A 128 -7.53 5.87 -10.76
C LEU A 128 -8.96 5.80 -11.27
N TRP A 129 -9.77 4.97 -10.62
CA TRP A 129 -11.22 4.88 -10.85
C TRP A 129 -11.86 5.92 -9.89
N GLN A 130 -12.42 7.01 -10.43
CA GLN A 130 -12.89 8.13 -9.61
C GLN A 130 -14.01 8.83 -10.31
N PHE A 131 -14.99 9.33 -9.55
CA PHE A 131 -16.14 10.06 -10.11
C PHE A 131 -16.83 9.23 -11.20
N GLY A 132 -16.75 7.90 -11.08
CA GLY A 132 -17.29 6.96 -12.08
C GLY A 132 -16.60 6.96 -13.42
N GLU A 133 -15.30 7.29 -13.43
CA GLU A 133 -14.48 7.34 -14.65
C GLU A 133 -13.08 6.77 -14.32
N TRP A 134 -12.35 6.26 -15.31
CA TRP A 134 -10.90 6.09 -15.19
C TRP A 134 -10.30 7.43 -15.51
N VAL A 135 -9.54 7.99 -14.56
CA VAL A 135 -9.00 9.35 -14.69
C VAL A 135 -7.49 9.29 -14.56
N ASP A 136 -6.81 10.05 -15.40
CA ASP A 136 -5.38 10.26 -15.30
C ASP A 136 -5.11 11.50 -14.42
N VAL A 137 -4.26 11.30 -13.41
CA VAL A 137 -3.97 12.32 -12.40
C VAL A 137 -2.48 12.60 -12.48
N VAL A 138 -2.14 13.88 -12.69
CA VAL A 138 -0.72 14.25 -12.70
C VAL A 138 -0.30 14.71 -11.33
N VAL A 139 0.98 14.55 -11.03
CA VAL A 139 1.56 15.23 -9.89
C VAL A 139 2.93 15.77 -10.28
N ASP A 140 3.36 16.85 -9.63
CA ASP A 140 4.79 17.17 -9.69
C ASP A 140 5.49 16.25 -8.67
N ASP A 141 6.82 16.12 -8.76
CA ASP A 141 7.49 15.19 -7.86
C ASP A 141 8.10 15.86 -6.62
N LEU A 142 7.67 17.07 -6.31
CA LEU A 142 7.98 17.59 -4.98
C LEU A 142 7.28 16.74 -3.88
N LEU A 143 8.06 16.22 -2.91
CA LEU A 143 7.51 15.32 -1.92
C LEU A 143 7.79 15.85 -0.49
N PRO A 144 6.87 15.62 0.48
CA PRO A 144 7.14 16.06 1.86
C PRO A 144 8.37 15.29 2.45
N THR A 145 9.37 16.03 2.94
CA THR A 145 10.58 15.43 3.52
C THR A 145 10.88 16.11 4.84
N LYS A 146 11.67 15.43 5.66
CA LYS A 146 12.18 16.02 6.89
C LYS A 146 13.58 15.45 7.03
N ASP A 147 14.57 16.33 7.16
CA ASP A 147 15.95 15.89 7.25
C ASP A 147 16.34 14.97 6.10
N GLY A 148 15.85 15.28 4.91
CA GLY A 148 16.24 14.58 3.71
C GLY A 148 15.53 13.24 3.48
N LYS A 149 14.60 12.89 4.36
CA LYS A 149 13.90 11.60 4.20
CA LYS A 149 13.88 11.60 4.28
C LYS A 149 12.40 11.83 4.00
N LEU A 150 11.76 10.95 3.22
CA LEU A 150 10.30 11.07 2.99
C LEU A 150 9.55 10.96 4.33
N VAL A 151 8.56 11.83 4.54
CA VAL A 151 7.72 11.77 5.75
C VAL A 151 6.64 10.67 5.65
N PHE A 152 6.08 10.53 4.45
CA PHE A 152 4.93 9.59 4.25
C PHE A 152 5.44 8.29 3.62
N VAL A 153 4.72 7.68 2.67
CA VAL A 153 5.15 6.34 2.25
C VAL A 153 6.52 6.37 1.59
N HIS A 154 7.27 5.27 1.73
CA HIS A 154 8.57 5.17 1.11
C HIS A 154 8.84 3.68 0.84
N SER A 155 9.78 3.41 -0.06
CA SER A 155 10.12 2.02 -0.39
C SER A 155 11.22 1.51 0.53
N ALA A 156 11.25 0.20 0.78
CA ALA A 156 12.41 -0.42 1.43
C ALA A 156 13.69 -0.17 0.62
N GLN A 157 13.54 0.06 -0.69
CA GLN A 157 14.63 0.51 -1.59
C GLN A 157 14.64 2.04 -1.52
N GLY A 158 15.65 2.58 -0.82
CA GLY A 158 15.66 4.02 -0.47
C GLY A 158 15.75 4.96 -1.67
N ASN A 159 16.03 4.44 -2.86
CA ASN A 159 16.13 5.33 -4.04
C ASN A 159 14.95 5.13 -5.00
N GLU A 160 13.90 4.49 -4.52
CA GLU A 160 12.73 4.15 -5.37
C GLU A 160 11.52 4.99 -5.02
N PHE A 161 10.88 5.60 -6.04
CA PHE A 161 9.89 6.66 -5.76
C PHE A 161 8.46 6.42 -6.25
N TRP A 162 8.22 5.35 -7.02
CA TRP A 162 6.85 5.17 -7.57
C TRP A 162 5.76 5.20 -6.49
N SER A 163 5.99 4.53 -5.36
CA SER A 163 4.89 4.43 -4.39
C SER A 163 4.65 5.75 -3.65
N ALA A 164 5.74 6.51 -3.42
CA ALA A 164 5.61 7.84 -2.83
C ALA A 164 4.77 8.72 -3.78
N LEU A 165 5.06 8.61 -5.07
CA LEU A 165 4.36 9.43 -6.07
C LEU A 165 2.89 9.01 -6.21
N LEU A 166 2.62 7.71 -6.15
CA LEU A 166 1.23 7.24 -6.21
C LEU A 166 0.46 7.71 -4.97
N GLU A 167 1.05 7.57 -3.77
CA GLU A 167 0.36 8.08 -2.58
C GLU A 167 0.08 9.59 -2.73
N LYS A 168 1.02 10.34 -3.32
CA LYS A 168 0.80 11.77 -3.50
C LYS A 168 -0.40 12.04 -4.42
N ALA A 169 -0.49 11.27 -5.51
CA ALA A 169 -1.62 11.41 -6.49
C ALA A 169 -2.96 11.09 -5.83
N TYR A 170 -2.95 10.09 -4.96
CA TYR A 170 -4.17 9.72 -4.27
C TYR A 170 -4.58 10.80 -3.23
N ALA A 171 -3.59 11.38 -2.53
CA ALA A 171 -3.83 12.52 -1.63
C ALA A 171 -4.44 13.67 -2.45
N LYS A 172 -3.88 13.93 -3.64
CA LYS A 172 -4.33 15.04 -4.51
C LYS A 172 -5.84 14.95 -4.83
N VAL A 173 -6.29 13.78 -5.24
CA VAL A 173 -7.72 13.63 -5.60
C VAL A 173 -8.63 13.76 -4.39
N ASN A 174 -8.06 13.51 -3.21
CA ASN A 174 -8.80 13.66 -1.96
C ASN A 174 -8.61 14.97 -1.23
N GLY A 175 -7.76 15.84 -1.76
CA GLY A 175 -7.61 17.21 -1.25
C GLY A 175 -6.33 17.52 -0.47
N SER A 176 -5.83 16.53 0.27
CA SER A 176 -4.61 16.70 1.09
C SER A 176 -4.18 15.32 1.60
N TYR A 177 -2.94 15.23 2.07
CA TYR A 177 -2.52 14.02 2.77
C TYR A 177 -3.37 13.74 4.03
N GLU A 178 -3.66 14.79 4.79
CA GLU A 178 -4.42 14.61 6.05
C GLU A 178 -5.81 14.01 5.78
N ALA A 179 -6.39 14.32 4.63
CA ALA A 179 -7.70 13.75 4.23
C ALA A 179 -7.66 12.22 4.13
N LEU A 180 -6.45 11.65 3.98
CA LEU A 180 -6.26 10.19 3.96
C LEU A 180 -6.22 9.52 5.32
N SER A 181 -6.23 10.31 6.40
CA SER A 181 -6.03 9.68 7.71
C SER A 181 -7.35 9.05 8.21
N GLY A 182 -7.36 7.72 8.36
CA GLY A 182 -8.58 7.01 8.76
C GLY A 182 -9.37 6.65 7.52
N GLY A 183 -9.55 5.37 7.25
CA GLY A 183 -10.26 5.02 6.03
C GLY A 183 -10.58 3.57 5.88
N CYS A 184 -11.07 3.24 4.70
CA CYS A 184 -11.63 1.92 4.41
C CYS A 184 -10.85 1.28 3.27
N THR A 185 -10.24 0.14 3.55
CA THR A 185 -9.42 -0.56 2.54
C THR A 185 -10.19 -0.77 1.24
N SER A 186 -11.44 -1.19 1.36
CA SER A 186 -12.30 -1.41 0.18
C SER A 186 -12.45 -0.19 -0.71
N GLU A 187 -12.46 1.02 -0.12
CA GLU A 187 -12.53 2.24 -0.94
CA GLU A 187 -12.51 2.28 -0.90
C GLU A 187 -11.29 2.40 -1.82
N ALA A 188 -10.10 2.16 -1.25
CA ALA A 188 -8.90 2.17 -2.07
C ALA A 188 -8.93 1.04 -3.13
N PHE A 189 -9.41 -0.15 -2.75
CA PHE A 189 -9.52 -1.25 -3.70
C PHE A 189 -10.35 -0.83 -4.91
N GLU A 190 -11.52 -0.23 -4.65
CA GLU A 190 -12.43 0.24 -5.70
C GLU A 190 -11.75 1.31 -6.55
N ASP A 191 -11.05 2.23 -5.90
CA ASP A 191 -10.41 3.35 -6.61
C ASP A 191 -9.27 2.86 -7.52
N PHE A 192 -8.76 1.65 -7.28
CA PHE A 192 -7.72 1.07 -8.15
C PHE A 192 -8.27 0.11 -9.19
N THR A 193 -9.57 -0.21 -9.13
CA THR A 193 -10.10 -1.29 -9.98
C THR A 193 -11.48 -1.06 -10.61
N GLY A 194 -12.31 -0.24 -10.00
CA GLY A 194 -13.73 -0.18 -10.42
C GLY A 194 -14.42 -1.51 -10.22
N GLY A 195 -13.83 -2.36 -9.38
CA GLY A 195 -14.40 -3.68 -9.10
C GLY A 195 -15.44 -3.71 -7.99
N VAL A 196 -15.88 -4.93 -7.67
CA VAL A 196 -16.92 -5.18 -6.69
C VAL A 196 -16.34 -5.64 -5.33
N THR A 197 -16.64 -4.92 -4.26
CA THR A 197 -16.12 -5.30 -2.95
C THR A 197 -17.16 -6.01 -2.11
N GLU A 198 -16.69 -6.99 -1.35
CA GLU A 198 -17.50 -7.70 -0.38
C GLU A 198 -16.66 -7.84 0.87
N TRP A 199 -17.31 -8.10 1.99
CA TRP A 199 -16.51 -8.30 3.21
C TRP A 199 -17.09 -9.49 3.94
N TYR A 200 -16.28 -10.10 4.80
CA TYR A 200 -16.69 -11.29 5.57
C TYR A 200 -16.45 -11.03 7.04
N ASP A 201 -17.44 -11.38 7.85
CA ASP A 201 -17.29 -11.34 9.30
C ASP A 201 -16.62 -12.67 9.73
N LEU A 202 -15.40 -12.60 10.22
CA LEU A 202 -14.60 -13.83 10.38
C LEU A 202 -15.11 -14.66 11.54
N GLN A 203 -15.88 -14.01 12.41
CA GLN A 203 -16.51 -14.74 13.51
C GLN A 203 -17.79 -15.48 13.05
N LYS A 204 -18.20 -15.22 11.81
CA LYS A 204 -19.27 -15.99 11.18
C LYS A 204 -18.82 -16.45 9.81
N ALA A 205 -17.59 -16.95 9.70
CA ALA A 205 -16.99 -17.30 8.40
C ALA A 205 -17.76 -18.44 7.72
N PRO A 206 -18.04 -18.33 6.41
CA PRO A 206 -18.59 -19.51 5.74
C PRO A 206 -17.60 -20.65 5.79
N SER A 207 -18.10 -21.90 5.76
CA SER A 207 -17.24 -23.07 5.87
C SER A 207 -16.24 -23.21 4.70
N ASP A 208 -16.54 -22.60 3.55
CA ASP A 208 -15.65 -22.65 2.40
C ASP A 208 -14.82 -21.35 2.24
N LEU A 209 -14.68 -20.59 3.32
CA LEU A 209 -13.97 -19.31 3.20
C LEU A 209 -12.52 -19.49 2.69
N TYR A 210 -11.83 -20.52 3.14
CA TYR A 210 -10.47 -20.68 2.65
C TYR A 210 -10.40 -20.91 1.12
N GLN A 211 -11.36 -21.65 0.57
CA GLN A 211 -11.42 -21.83 -0.88
C GLN A 211 -11.79 -20.53 -1.59
N ILE A 212 -12.64 -19.73 -0.94
CA ILE A 212 -13.00 -18.39 -1.47
C ILE A 212 -11.75 -17.52 -1.62
N ILE A 213 -10.92 -17.56 -0.59
CA ILE A 213 -9.66 -16.80 -0.56
C ILE A 213 -8.68 -17.33 -1.63
N LEU A 214 -8.53 -18.65 -1.71
CA LEU A 214 -7.67 -19.26 -2.72
C LEU A 214 -8.05 -18.80 -4.12
N LYS A 215 -9.34 -18.88 -4.44
CA LYS A 215 -9.87 -18.50 -5.75
C LYS A 215 -9.62 -17.03 -6.03
N ALA A 216 -9.90 -16.19 -5.04
CA ALA A 216 -9.72 -14.74 -5.20
C ALA A 216 -8.24 -14.40 -5.47
N LEU A 217 -7.35 -14.98 -4.69
CA LEU A 217 -5.93 -14.75 -4.89
C LEU A 217 -5.49 -15.21 -6.29
N GLU A 218 -5.95 -16.39 -6.69
CA GLU A 218 -5.58 -16.93 -8.00
C GLU A 218 -6.00 -16.00 -9.14
N ARG A 219 -7.17 -15.41 -9.02
CA ARG A 219 -7.65 -14.54 -10.08
C ARG A 219 -7.05 -13.14 -10.03
N GLY A 220 -6.33 -12.82 -8.96
CA GLY A 220 -5.75 -11.48 -8.82
C GLY A 220 -6.65 -10.43 -8.18
N SER A 221 -7.70 -10.89 -7.51
CA SER A 221 -8.53 -10.04 -6.67
C SER A 221 -7.69 -9.46 -5.55
N LEU A 222 -8.16 -8.38 -4.92
CA LEU A 222 -7.41 -7.70 -3.89
C LEU A 222 -8.02 -8.10 -2.55
N LEU A 223 -7.19 -8.46 -1.57
CA LEU A 223 -7.69 -8.91 -0.28
C LEU A 223 -6.99 -8.16 0.85
N GLY A 224 -7.76 -7.81 1.87
CA GLY A 224 -7.26 -7.09 3.05
C GLY A 224 -7.97 -7.59 4.30
N CYS A 225 -7.36 -7.37 5.46
CA CYS A 225 -8.01 -7.81 6.70
C CYS A 225 -7.69 -6.87 7.86
N SER A 226 -8.47 -6.96 8.93
CA SER A 226 -8.26 -6.08 10.09
C SER A 226 -8.87 -6.72 11.33
N ILE A 227 -8.48 -6.17 12.48
CA ILE A 227 -8.95 -6.62 13.81
C ILE A 227 -9.68 -5.45 14.41
N ASN A 228 -10.94 -5.63 14.71
CA ASN A 228 -11.70 -4.53 15.26
C ASN A 228 -11.22 -4.16 16.69
N ILE A 229 -11.17 -2.88 17.00
CA ILE A 229 -10.95 -2.47 18.40
C ILE A 229 -12.33 -2.38 19.05
N SER A 230 -12.64 -3.38 19.88
CA SER A 230 -13.97 -3.54 20.47
C SER A 230 -14.18 -2.72 21.74
N ASP A 231 -13.08 -2.38 22.43
CA ASP A 231 -13.18 -1.70 23.73
C ASP A 231 -13.03 -0.18 23.62
N ILE A 232 -11.84 0.30 23.29
CA ILE A 232 -11.56 1.69 22.85
C ILE A 232 -10.20 1.72 22.11
N ARG A 233 -9.13 1.49 22.86
CA ARG A 233 -7.93 0.77 22.40
C ARG A 233 -7.25 0.19 23.64
N ASP A 234 -8.07 -0.54 24.41
CA ASP A 234 -7.79 -0.90 25.80
C ASP A 234 -6.62 -1.87 26.01
N LEU A 235 -6.72 -3.08 25.45
CA LEU A 235 -5.62 -4.03 25.44
C LEU A 235 -4.47 -3.54 24.53
N GLU A 236 -4.27 -2.21 24.52
CA GLU A 236 -3.36 -1.46 23.62
C GLU A 236 -3.82 -1.52 22.14
N ALA A 237 -3.17 -0.74 21.27
CA ALA A 237 -3.34 -0.90 19.83
C ALA A 237 -2.74 -2.24 19.38
N ILE A 238 -1.68 -2.68 20.07
CA ILE A 238 -0.97 -3.90 19.72
C ILE A 238 -1.35 -5.04 20.67
N THR A 239 -1.74 -6.17 20.10
CA THR A 239 -2.20 -7.32 20.88
C THR A 239 -1.02 -8.01 21.54
N PHE A 240 -1.31 -9.00 22.39
CA PHE A 240 -0.22 -9.69 23.08
C PHE A 240 0.70 -10.45 22.14
N LYS A 241 0.19 -10.82 20.95
CA LYS A 241 0.95 -11.60 19.98
C LYS A 241 1.45 -10.73 18.79
N ASN A 242 1.50 -9.41 19.03
CA ASN A 242 2.13 -8.47 18.12
C ASN A 242 1.31 -8.16 16.83
N LEU A 243 0.00 -8.34 16.90
CA LEU A 243 -0.87 -7.85 15.83
C LEU A 243 -1.30 -6.42 16.20
N VAL A 244 -1.62 -5.64 15.18
CA VAL A 244 -2.13 -4.27 15.38
C VAL A 244 -3.63 -4.18 15.13
N ARG A 245 -4.38 -3.70 16.13
CA ARG A 245 -5.82 -3.57 15.94
C ARG A 245 -6.16 -2.27 15.24
N GLY A 246 -7.35 -2.23 14.63
CA GLY A 246 -7.86 -1.06 13.92
C GLY A 246 -6.93 -0.65 12.78
N HIS A 247 -6.27 -1.64 12.19
CA HIS A 247 -5.16 -1.41 11.23
C HIS A 247 -5.27 -2.32 9.99
N ALA A 248 -5.16 -1.74 8.80
CA ALA A 248 -5.32 -2.53 7.57
C ALA A 248 -4.09 -3.37 7.25
N TYR A 249 -4.30 -4.67 7.05
CA TYR A 249 -3.26 -5.56 6.53
C TYR A 249 -3.64 -5.99 5.11
N SER A 250 -2.64 -6.26 4.28
CA SER A 250 -2.86 -6.89 2.97
C SER A 250 -2.84 -8.41 3.15
N VAL A 251 -3.74 -9.13 2.51
CA VAL A 251 -3.63 -10.59 2.47
C VAL A 251 -2.89 -10.88 1.15
N THR A 252 -1.73 -11.56 1.25
CA THR A 252 -0.81 -11.69 0.09
C THR A 252 -0.57 -13.12 -0.40
N ASP A 253 -1.06 -14.14 0.32
CA ASP A 253 -0.97 -15.52 -0.18
C ASP A 253 -1.81 -16.44 0.70
N ALA A 254 -2.01 -17.65 0.20
CA ALA A 254 -2.65 -18.72 0.94
C ALA A 254 -2.08 -19.99 0.35
N LYS A 255 -1.45 -20.78 1.21
CA LYS A 255 -0.74 -21.98 0.81
C LYS A 255 -0.94 -23.03 1.91
N GLN A 256 -0.85 -24.29 1.52
CA GLN A 256 -1.07 -25.41 2.44
C GLN A 256 0.29 -26.07 2.70
N VAL A 257 0.55 -26.50 3.94
CA VAL A 257 1.81 -27.17 4.24
C VAL A 257 1.53 -28.51 4.89
N THR A 258 2.54 -29.37 4.94
CA THR A 258 2.40 -30.69 5.55
C THR A 258 3.11 -30.66 6.90
N TYR A 259 2.32 -30.60 7.95
CA TYR A 259 2.81 -30.44 9.30
C TYR A 259 2.68 -31.76 10.00
N GLN A 260 3.83 -32.38 10.28
CA GLN A 260 3.88 -33.74 10.80
C GLN A 260 2.95 -34.68 10.05
N GLY A 261 3.06 -34.68 8.73
CA GLY A 261 2.25 -35.56 7.90
C GLY A 261 0.76 -35.22 7.75
N GLN A 262 0.32 -34.05 8.23
CA GLN A 262 -1.08 -33.61 8.09
CA GLN A 262 -1.07 -33.65 8.00
C GLN A 262 -1.15 -32.24 7.40
N ARG A 263 -2.10 -32.06 6.49
CA ARG A 263 -2.24 -30.75 5.80
C ARG A 263 -2.67 -29.68 6.80
N VAL A 264 -2.09 -28.50 6.69
CA VAL A 264 -2.48 -27.33 7.49
C VAL A 264 -2.60 -26.18 6.48
N ASN A 265 -3.75 -25.51 6.50
CA ASN A 265 -4.01 -24.36 5.63
C ASN A 265 -3.37 -23.12 6.27
N LEU A 266 -2.52 -22.42 5.53
CA LEU A 266 -1.94 -21.16 5.98
C LEU A 266 -2.42 -19.97 5.13
N ILE A 267 -2.26 -18.79 5.69
CA ILE A 267 -2.60 -17.54 4.99
C ILE A 267 -1.46 -16.58 5.30
N ARG A 268 -1.07 -15.77 4.31
CA ARG A 268 0.05 -14.86 4.45
C ARG A 268 -0.51 -13.46 4.36
N MET A 269 -0.09 -12.60 5.28
CA MET A 269 -0.46 -11.19 5.21
C MET A 269 0.72 -10.27 5.48
N ARG A 270 0.50 -8.98 5.20
CA ARG A 270 1.59 -8.02 5.30
C ARG A 270 1.13 -6.72 5.95
N ASN A 271 1.82 -6.33 7.03
CA ASN A 271 1.58 -5.06 7.68
C ASN A 271 2.23 -3.97 6.79
N PRO A 272 1.43 -2.99 6.31
CA PRO A 272 1.98 -1.93 5.44
C PRO A 272 3.07 -1.06 6.11
N TRP A 273 3.25 -1.21 7.43
CA TRP A 273 4.44 -0.59 8.06
C TRP A 273 5.75 -1.15 7.52
N GLY A 274 5.73 -2.37 7.00
CA GLY A 274 6.96 -3.04 6.55
C GLY A 274 7.72 -3.60 7.74
N GLU A 275 7.03 -3.70 8.88
CA GLU A 275 7.61 -4.20 10.15
C GLU A 275 6.48 -4.48 11.10
N VAL A 276 6.78 -5.13 12.24
CA VAL A 276 5.83 -5.47 13.32
C VAL A 276 4.90 -6.60 12.88
N GLU A 277 5.26 -7.82 13.28
CA GLU A 277 4.59 -9.04 12.80
C GLU A 277 4.08 -9.92 13.95
N TRP A 278 3.00 -10.66 13.66
CA TRP A 278 2.54 -11.80 14.46
C TRP A 278 3.71 -12.61 15.01
N LYS A 279 3.59 -12.99 16.28
CA LYS A 279 4.59 -13.82 16.94
C LYS A 279 4.02 -15.19 17.35
N GLY A 280 2.81 -15.52 16.89
CA GLY A 280 2.21 -16.84 17.23
C GLY A 280 2.67 -17.97 16.31
N PRO A 281 1.97 -19.14 16.33
CA PRO A 281 2.33 -20.22 15.40
C PRO A 281 2.44 -19.76 13.94
N TRP A 282 3.46 -20.26 13.26
CA TRP A 282 3.76 -19.99 11.84
C TRP A 282 4.47 -18.65 11.57
N SER A 283 4.60 -17.83 12.62
CA SER A 283 5.43 -16.62 12.52
C SER A 283 6.85 -16.99 12.08
N ASP A 284 7.63 -16.00 11.62
CA ASP A 284 8.94 -16.24 11.04
C ASP A 284 9.86 -17.14 11.91
N ASN A 285 9.82 -16.93 13.23
CA ASN A 285 10.69 -17.60 14.20
C ASN A 285 10.04 -18.75 14.97
N SER A 286 8.84 -19.15 14.54
CA SER A 286 8.06 -20.12 15.30
C SER A 286 8.64 -21.51 15.09
N TYR A 287 8.36 -22.41 16.04
CA TYR A 287 8.84 -23.79 15.94
C TYR A 287 8.09 -24.63 14.89
N GLU A 288 6.90 -24.17 14.48
CA GLU A 288 6.11 -24.99 13.53
C GLU A 288 6.86 -25.32 12.24
N TRP A 289 7.68 -24.39 11.78
CA TRP A 289 8.43 -24.56 10.54
C TRP A 289 9.39 -25.74 10.59
N ASN A 290 9.77 -26.15 11.80
CA ASN A 290 10.71 -27.26 11.97
C ASN A 290 10.05 -28.60 11.63
N LYS A 291 8.73 -28.63 11.51
CA LYS A 291 8.00 -29.90 11.30
C LYS A 291 7.23 -30.04 9.98
N VAL A 292 7.55 -29.18 9.04
CA VAL A 292 7.02 -29.31 7.69
C VAL A 292 8.08 -29.90 6.77
N ASP A 293 7.67 -30.21 5.54
CA ASP A 293 8.60 -30.64 4.51
C ASP A 293 9.66 -29.54 4.29
N PRO A 294 10.96 -29.89 4.24
CA PRO A 294 12.03 -28.90 4.07
C PRO A 294 11.87 -28.01 2.82
N TYR A 295 11.35 -28.58 1.74
CA TYR A 295 11.02 -27.83 0.54
C TYR A 295 9.91 -26.81 0.76
N GLU A 296 8.84 -27.20 1.44
CA GLU A 296 7.78 -26.26 1.80
C GLU A 296 8.34 -25.12 2.67
N ARG A 297 9.17 -25.48 3.65
CA ARG A 297 9.79 -24.48 4.53
C ARG A 297 10.58 -23.47 3.71
N GLU A 298 11.38 -23.98 2.78
CA GLU A 298 12.25 -23.16 1.95
C GLU A 298 11.44 -22.25 0.98
N GLN A 299 10.37 -22.79 0.41
CA GLN A 299 9.52 -22.05 -0.52
C GLN A 299 8.75 -20.97 0.20
N LEU A 300 8.24 -21.27 1.40
CA LEU A 300 7.28 -20.38 2.02
C LEU A 300 7.81 -19.40 3.07
N ARG A 301 8.70 -19.90 3.93
CA ARG A 301 9.14 -19.10 5.07
C ARG A 301 10.28 -18.18 4.64
N VAL A 302 10.20 -16.92 5.09
CA VAL A 302 11.25 -15.93 4.86
C VAL A 302 11.52 -15.28 6.21
N LYS A 303 12.72 -15.54 6.74
CA LYS A 303 13.07 -15.02 8.04
C LYS A 303 13.59 -13.59 7.86
N MET A 304 12.66 -12.63 7.94
CA MET A 304 12.95 -11.22 7.70
CA MET A 304 12.96 -11.21 7.74
C MET A 304 11.90 -10.35 8.41
N GLU A 305 12.35 -9.33 9.13
CA GLU A 305 11.45 -8.29 9.63
C GLU A 305 11.07 -7.40 8.42
N ASP A 306 9.99 -7.78 7.76
CA ASP A 306 9.57 -7.11 6.52
C ASP A 306 8.08 -6.78 6.56
N GLY A 307 7.45 -7.07 7.71
CA GLY A 307 6.01 -6.87 7.92
C GLY A 307 5.13 -8.02 7.45
N GLU A 308 5.73 -8.99 6.77
CA GLU A 308 4.98 -10.05 6.14
C GLU A 308 5.16 -11.36 6.93
N PHE A 309 4.07 -12.09 7.16
CA PHE A 309 4.14 -13.33 7.93
C PHE A 309 2.99 -14.27 7.57
N TRP A 310 3.15 -15.52 7.97
CA TRP A 310 2.09 -16.53 7.84
C TRP A 310 1.36 -16.76 9.16
N MET A 311 0.10 -17.17 9.06
CA MET A 311 -0.68 -17.69 10.20
C MET A 311 -1.39 -18.93 9.70
N SER A 312 -1.77 -19.85 10.60
CA SER A 312 -2.71 -20.88 10.19
C SER A 312 -4.06 -20.18 9.90
N PHE A 313 -4.85 -20.74 8.97
CA PHE A 313 -6.17 -20.18 8.72
C PHE A 313 -7.04 -20.19 10.00
N ARG A 314 -6.90 -21.24 10.81
CA ARG A 314 -7.60 -21.34 12.10
C ARG A 314 -7.27 -20.16 13.01
N ASP A 315 -5.99 -19.85 13.14
CA ASP A 315 -5.56 -18.73 14.01
C ASP A 315 -6.00 -17.39 13.38
N PHE A 316 -5.87 -17.29 12.07
CA PHE A 316 -6.36 -16.11 11.34
C PHE A 316 -7.80 -15.77 11.64
N ILE A 317 -8.69 -16.77 11.52
CA ILE A 317 -10.11 -16.47 11.76
C ILE A 317 -10.46 -16.21 13.23
N ARG A 318 -9.59 -16.64 14.14
CA ARG A 318 -9.75 -16.29 15.56
C ARG A 318 -9.28 -14.86 15.84
N GLU A 319 -8.09 -14.51 15.35
CA GLU A 319 -7.43 -13.22 15.70
C GLU A 319 -8.00 -12.02 14.92
N PHE A 320 -8.20 -12.23 13.62
CA PHE A 320 -8.82 -11.19 12.76
C PHE A 320 -10.34 -11.19 12.78
N THR A 321 -10.95 -10.07 12.45
CA THR A 321 -12.39 -9.98 12.58
C THR A 321 -13.08 -9.69 11.25
N LYS A 322 -12.33 -9.09 10.31
CA LYS A 322 -12.90 -8.68 9.02
C LYS A 322 -11.96 -9.01 7.87
N LEU A 323 -12.51 -9.53 6.78
CA LEU A 323 -11.76 -9.76 5.55
C LEU A 323 -12.50 -9.00 4.45
N GLU A 324 -11.76 -8.26 3.64
CA GLU A 324 -12.31 -7.53 2.51
C GLU A 324 -11.74 -8.10 1.22
N ILE A 325 -12.62 -8.31 0.22
CA ILE A 325 -12.20 -8.80 -1.07
C ILE A 325 -12.79 -7.90 -2.16
N CYS A 326 -11.92 -7.46 -3.05
CA CYS A 326 -12.37 -6.73 -4.23
C CYS A 326 -12.13 -7.58 -5.47
N ASN A 327 -13.23 -8.03 -6.06
CA ASN A 327 -13.19 -8.85 -7.27
C ASN A 327 -13.30 -8.01 -8.51
N LEU A 328 -12.44 -8.23 -9.49
CA LEU A 328 -12.62 -7.53 -10.76
C LEU A 328 -13.01 -8.47 -11.91
N THR A 329 -12.80 -7.99 -13.14
CA THR A 329 -12.93 -8.77 -14.36
C THR A 329 -11.59 -9.44 -14.69
CA CA B . 10.81 -2.08 -6.02
CA CA C . 8.49 -11.50 8.04
CL CL D . -1.65 22.58 -14.84
CL CL E . 2.57 27.21 5.71
CL CL F . 13.98 6.11 -13.33
C4 GRD G . 3.07 3.69 12.55
C5 GRD G . 4.11 3.30 11.75
C6 GRD G . 5.04 2.39 12.25
C8 GRD G . 2.89 4.68 10.62
N1 GRD G . 4.90 1.94 13.53
N3 GRD G . 2.95 3.24 13.84
CAN GRD G . -13.79 6.63 7.27
CAL GRD G . -13.76 8.03 7.42
CAU GRD G . -0.68 4.21 11.02
CBM GRD G . -12.41 6.41 9.25
CAQ GRD G . -13.12 5.82 8.19
CAA GRD G . -6.42 5.34 11.84
OAH GRD G . -7.72 3.85 8.89
OAG GRD G . -9.94 3.82 11.42
CAS GRD G . -5.25 4.39 11.74
CAT GRD G . -0.13 4.44 12.40
N7 GRD G . 3.99 3.93 10.54
N9 GRD G . 2.33 4.55 11.84
C2 GRD G . 3.87 2.36 14.32
N6 GRD G . 6.06 1.95 11.48
OAI GRD G . -2.76 4.27 9.11
CBK GRD G . -2.85 3.55 10.09
N1C GRD G . -1.94 3.46 11.04
CAV GRD G . 1.14 5.27 12.29
CBU GRD G . -4.11 2.72 10.22
OAJ GRD G . -3.93 1.71 11.24
CBS GRD G . -5.31 3.63 10.38
N1E GRD G . -6.48 2.72 10.41
CBJ GRD G . -7.57 2.91 9.67
CBR GRD G . -8.69 1.90 9.86
CAY GRD G . -8.45 0.77 8.87
CBP GRD G . -9.51 -0.33 8.91
CAB GRD G . -9.18 -1.41 7.88
CAC GRD G . -9.60 -0.95 10.32
N1D GRD G . -9.96 2.54 9.56
CBI GRD G . -10.47 3.48 10.37
OBF GRD G . -11.73 4.11 10.04
CAW GRD G . -11.68 5.56 10.22
CAP GRD G . -12.37 7.81 9.39
CAM GRD G . -13.04 8.62 8.47
C1 GOL H . 19.00 12.36 1.16
O1 GOL H . 20.32 12.85 1.31
C2 GOL H . 18.79 11.06 1.96
O2 GOL H . 18.82 11.34 3.33
C3 GOL H . 19.77 9.93 1.62
O3 GOL H . 19.15 8.70 1.96
C1 GOL I . 12.90 24.14 -5.93
O1 GOL I . 12.75 25.55 -6.15
C2 GOL I . 11.73 23.26 -6.36
O2 GOL I . 12.25 22.11 -7.03
C3 GOL I . 10.68 23.98 -7.24
O3 GOL I . 10.84 23.71 -8.63
#